data_1C0P
#
_entry.id   1C0P
#
_cell.length_a   120.885
_cell.length_b   120.885
_cell.length_c   136.364
_cell.angle_alpha   90.00
_cell.angle_beta   90.00
_cell.angle_gamma   90.00
#
_symmetry.space_group_name_H-M   'I 4 2 2'
#
loop_
_entity.id
_entity.type
_entity.pdbx_description
1 polymer 'D-AMINO ACID OXIDASE'
2 non-polymer 'FLAVIN-ADENINE DINUCLEOTIDE'
3 non-polymer D-ALANINE
4 non-polymer 'PEROXIDE ION'
5 non-polymer GLYCEROL
6 water water
#
_entity_poly.entity_id   1
_entity_poly.type   'polypeptide(L)'
_entity_poly.pdbx_seq_one_letter_code
;LMMHSQKRVVVLGSGVIGLSSALILARKGYSVHILARDLPEDVSSQTFASPWAGANWTPFMTLTDGPRQAKWEESTFKKW
VELVPTGHAMWLKGTRRFAQNEDGLLGHWYKDITPNYRPLPSSECPPGAIGVTYDTLSVHAPKYCQYLARELQKLGATFE
RRTVTSLEQAFDGADLVVNATGLGAKSIAGIDDQAAEPIRGQTVLVKSPCKRCTMDSSDPASPAYIIPRPGGEVICGGTY
GVGDWDLSVNPETVQRILKHCLRLDPTISSDGTIEGIEVLRHNVGLRPARRGGPRVEAERIVLPLDRTKSPLSLGRGSAR
AAKEKEVTLVHAYGFSSAGYQQSWGAAEDVAQLVDEAFQRYHG
;
_entity_poly.pdbx_strand_id   A
#
loop_
_chem_comp.id
_chem_comp.type
_chem_comp.name
_chem_comp.formula
FAD non-polymer 'FLAVIN-ADENINE DINUCLEOTIDE' 'C27 H33 N9 O15 P2'
GOL non-polymer GLYCEROL 'C3 H8 O3'
PER non-polymer 'PEROXIDE ION' 'O2 -2'
#
# COMPACT_ATOMS: atom_id res chain seq x y z
N LEU A 1 8.74 0.65 42.20
CA LEU A 1 9.71 1.12 41.21
C LEU A 1 10.01 0.08 40.13
N MET A 2 9.27 0.14 39.01
CA MET A 2 9.52 -0.83 37.94
C MET A 2 10.43 -0.24 36.85
N MET A 3 11.10 -1.11 36.16
CA MET A 3 11.88 -0.78 34.96
C MET A 3 10.98 -0.63 33.77
N HIS A 4 10.81 0.60 33.23
CA HIS A 4 9.94 0.81 32.08
C HIS A 4 10.75 0.95 30.82
N SER A 5 10.01 0.71 29.70
CA SER A 5 10.63 0.85 28.42
C SER A 5 11.12 2.28 28.17
N GLN A 6 12.29 2.33 27.55
CA GLN A 6 12.88 3.59 27.05
C GLN A 6 12.89 3.60 25.55
N LYS A 7 12.07 2.83 24.92
CA LYS A 7 11.88 2.56 23.49
C LYS A 7 10.42 2.66 23.04
N ARG A 8 9.71 3.73 23.47
CA ARG A 8 8.35 3.95 23.04
C ARG A 8 8.31 4.68 21.70
N VAL A 9 7.44 4.15 20.83
CA VAL A 9 7.20 4.79 19.55
C VAL A 9 5.69 4.76 19.30
N VAL A 10 5.22 5.82 18.63
CA VAL A 10 3.86 5.90 18.06
C VAL A 10 3.94 5.71 16.56
N VAL A 11 3.05 4.86 16.05
CA VAL A 11 2.84 4.75 14.60
C VAL A 11 1.51 5.41 14.29
N LEU A 12 1.54 6.42 13.43
CA LEU A 12 0.36 7.17 13.03
C LEU A 12 -0.09 6.59 11.69
N GLY A 13 -1.18 5.84 11.71
CA GLY A 13 -1.67 5.15 10.53
C GLY A 13 -1.62 3.64 10.70
N SER A 14 -2.70 3.00 10.24
CA SER A 14 -2.89 1.56 10.39
C SER A 14 -3.30 0.86 9.11
N GLY A 15 -2.85 1.42 8.00
CA GLY A 15 -2.86 0.71 6.75
C GLY A 15 -1.72 -0.24 6.69
N VAL A 16 -1.51 -0.89 5.53
CA VAL A 16 -0.47 -1.92 5.44
C VAL A 16 0.92 -1.36 5.80
N ILE A 17 1.17 -0.09 5.47
CA ILE A 17 2.49 0.45 5.78
C ILE A 17 2.71 0.68 7.27
N GLY A 18 1.74 1.30 7.95
CA GLY A 18 1.84 1.52 9.38
C GLY A 18 1.89 0.19 10.12
N LEU A 19 1.07 -0.78 9.73
CA LEU A 19 1.05 -2.09 10.37
C LEU A 19 2.37 -2.79 10.22
N SER A 20 2.90 -2.80 8.99
CA SER A 20 4.19 -3.51 8.72
C SER A 20 5.33 -2.88 9.47
N SER A 21 5.36 -1.52 9.48
CA SER A 21 6.36 -0.79 10.19
C SER A 21 6.28 -1.08 11.71
N ALA A 22 5.07 -1.02 12.24
CA ALA A 22 4.83 -1.34 13.65
C ALA A 22 5.30 -2.71 13.99
N LEU A 23 5.05 -3.69 13.11
CA LEU A 23 5.39 -5.07 13.42
C LEU A 23 6.89 -5.28 13.51
N ILE A 24 7.64 -4.77 12.53
CA ILE A 24 9.10 -4.90 12.61
C ILE A 24 9.62 -4.18 13.84
N LEU A 25 9.12 -3.00 14.17
CA LEU A 25 9.53 -2.30 15.40
C LEU A 25 9.21 -3.12 16.65
N ALA A 26 8.01 -3.72 16.73
CA ALA A 26 7.66 -4.51 17.89
C ALA A 26 8.60 -5.73 18.04
N ARG A 27 8.94 -6.36 16.91
CA ARG A 27 9.87 -7.47 16.91
C ARG A 27 11.26 -7.05 17.39
N LYS A 28 11.64 -5.82 17.13
CA LYS A 28 12.91 -5.26 17.57
C LYS A 28 12.88 -4.79 19.02
N GLY A 29 11.75 -4.93 19.68
CA GLY A 29 11.65 -4.66 21.10
C GLY A 29 11.13 -3.27 21.42
N TYR A 30 10.66 -2.48 20.44
CA TYR A 30 10.06 -1.19 20.74
C TYR A 30 8.65 -1.41 21.33
N SER A 31 8.24 -0.48 22.19
CA SER A 31 6.88 -0.46 22.75
C SER A 31 6.05 0.39 21.80
N VAL A 32 5.14 -0.22 21.04
CA VAL A 32 4.49 0.45 19.94
C VAL A 32 3.03 0.73 20.22
N HIS A 33 2.56 1.95 20.04
CA HIS A 33 1.17 2.31 20.05
C HIS A 33 0.78 2.89 18.73
N ILE A 34 -0.28 2.33 18.18
CA ILE A 34 -0.79 2.73 16.86
C ILE A 34 -1.99 3.64 17.04
N LEU A 35 -1.89 4.85 16.47
CA LEU A 35 -2.96 5.84 16.48
C LEU A 35 -3.48 5.93 15.04
N ALA A 36 -4.77 5.75 14.80
CA ALA A 36 -5.25 5.84 13.42
C ALA A 36 -6.75 6.07 13.39
N ARG A 37 -7.25 6.70 12.31
CA ARG A 37 -8.68 6.85 12.13
C ARG A 37 -9.32 5.57 11.74
N ASP A 38 -8.74 4.87 10.84
CA ASP A 38 -9.17 3.65 10.14
C ASP A 38 -8.24 2.50 10.57
N LEU A 39 -8.85 1.44 11.04
CA LEU A 39 -8.20 0.27 11.59
C LEU A 39 -8.54 -0.97 10.76
N PRO A 40 -7.85 -2.07 10.99
CA PRO A 40 -8.01 -3.24 10.08
C PRO A 40 -9.40 -3.87 10.03
N GLU A 41 -10.23 -3.61 11.03
CA GLU A 41 -11.61 -4.10 11.03
C GLU A 41 -12.47 -3.26 10.06
N ASP A 42 -11.96 -2.12 9.60
CA ASP A 42 -12.77 -1.19 8.79
C ASP A 42 -12.69 -1.58 7.33
N VAL A 43 -13.21 -2.75 6.98
CA VAL A 43 -12.94 -3.41 5.71
C VAL A 43 -13.67 -2.85 4.52
N SER A 44 -14.57 -1.89 4.72
CA SER A 44 -15.27 -1.22 3.62
C SER A 44 -15.09 0.29 3.74
N SER A 45 -14.13 0.80 4.54
CA SER A 45 -13.94 2.25 4.63
C SER A 45 -13.16 2.82 3.45
N GLN A 46 -13.75 3.83 2.81
CA GLN A 46 -13.11 4.51 1.69
C GLN A 46 -12.15 5.64 2.11
N THR A 47 -11.97 5.80 3.42
CA THR A 47 -11.06 6.86 3.86
C THR A 47 -9.63 6.39 4.07
N PHE A 48 -9.32 5.19 3.61
CA PHE A 48 -7.94 4.72 3.52
C PHE A 48 -7.93 3.71 2.36
N ALA A 49 -6.72 3.39 1.89
CA ALA A 49 -6.56 2.57 0.69
C ALA A 49 -6.50 1.09 0.94
N SER A 50 -5.96 0.69 2.08
CA SER A 50 -5.57 -0.68 2.29
C SER A 50 -6.71 -1.70 2.13
N PRO A 51 -7.95 -1.42 2.45
CA PRO A 51 -8.93 -2.49 2.22
C PRO A 51 -9.15 -2.89 0.77
N TRP A 52 -8.73 -2.06 -0.17
CA TRP A 52 -9.19 -2.10 -1.56
C TRP A 52 -8.24 -2.77 -2.52
N ALA A 53 -7.10 -3.20 -2.06
CA ALA A 53 -6.06 -3.69 -2.96
C ALA A 53 -6.28 -5.13 -3.41
N GLY A 54 -5.56 -5.53 -4.44
CA GLY A 54 -5.68 -6.82 -5.07
C GLY A 54 -5.45 -7.98 -4.14
N ALA A 55 -4.34 -8.07 -3.43
CA ALA A 55 -3.13 -7.31 -3.67
C ALA A 55 -2.10 -8.28 -4.20
N ASN A 56 -1.55 -8.01 -5.38
CA ASN A 56 -0.50 -8.87 -5.94
C ASN A 56 0.83 -8.11 -6.02
N TRP A 57 1.80 -8.85 -6.54
CA TRP A 57 3.16 -8.35 -6.70
C TRP A 57 3.45 -8.20 -8.19
N THR A 58 3.40 -6.90 -8.63
CA THR A 58 3.52 -6.49 -10.03
C THR A 58 4.44 -5.29 -10.10
N PRO A 59 5.78 -5.44 -10.29
CA PRO A 59 6.65 -4.26 -10.35
C PRO A 59 6.19 -3.29 -11.43
N PHE A 60 6.31 -2.00 -11.12
CA PHE A 60 5.89 -0.97 -12.06
C PHE A 60 7.02 -0.08 -12.59
N MET A 61 8.23 -0.21 -12.13
CA MET A 61 9.30 0.68 -12.48
C MET A 61 10.55 -0.07 -12.89
N THR A 62 11.38 0.58 -13.70
CA THR A 62 12.72 0.09 -13.95
C THR A 62 13.57 0.27 -12.68
N LEU A 63 14.73 -0.40 -12.68
CA LEU A 63 15.65 -0.18 -11.56
C LEU A 63 16.12 1.26 -11.46
N THR A 64 16.40 1.87 -12.62
CA THR A 64 16.93 3.24 -12.59
C THR A 64 15.90 4.22 -12.10
N ASP A 65 14.66 4.19 -12.45
CA ASP A 65 13.51 4.99 -12.11
C ASP A 65 13.10 4.69 -10.68
N GLY A 66 13.15 3.43 -10.26
CA GLY A 66 12.65 3.08 -8.95
C GLY A 66 13.54 2.18 -8.13
N PRO A 67 14.73 2.62 -7.76
CA PRO A 67 15.68 1.70 -7.09
C PRO A 67 15.16 1.27 -5.76
N ARG A 68 14.59 2.17 -4.96
CA ARG A 68 14.06 1.77 -3.65
C ARG A 68 12.90 0.80 -3.81
N GLN A 69 12.00 1.13 -4.76
CA GLN A 69 10.83 0.33 -5.02
C GLN A 69 11.22 -1.12 -5.31
N ALA A 70 12.25 -1.33 -6.14
CA ALA A 70 12.73 -2.67 -6.46
C ALA A 70 13.29 -3.37 -5.24
N LYS A 71 14.10 -2.66 -4.42
CA LYS A 71 14.61 -3.23 -3.20
C LYS A 71 13.47 -3.70 -2.30
N TRP A 72 12.48 -2.81 -2.14
CA TRP A 72 11.36 -3.09 -1.26
C TRP A 72 10.51 -4.25 -1.77
N GLU A 73 10.29 -4.29 -3.09
CA GLU A 73 9.56 -5.37 -3.72
C GLU A 73 10.28 -6.70 -3.54
N GLU A 74 11.61 -6.74 -3.79
CA GLU A 74 12.35 -8.00 -3.66
C GLU A 74 12.27 -8.53 -2.25
N SER A 75 12.39 -7.64 -1.25
CA SER A 75 12.31 -8.07 0.15
C SER A 75 10.92 -8.61 0.49
N THR A 76 9.87 -7.89 0.01
CA THR A 76 8.50 -8.32 0.31
C THR A 76 8.20 -9.66 -0.36
N PHE A 77 8.70 -9.91 -1.57
CA PHE A 77 8.44 -11.21 -2.17
C PHE A 77 8.92 -12.35 -1.30
N LYS A 78 10.15 -12.16 -0.76
CA LYS A 78 10.71 -13.20 0.13
C LYS A 78 9.81 -13.43 1.31
N LYS A 79 9.29 -12.36 1.91
CA LYS A 79 8.38 -12.50 3.05
C LYS A 79 7.14 -13.23 2.63
N TRP A 80 6.53 -12.85 1.50
CA TRP A 80 5.29 -13.51 1.10
C TRP A 80 5.53 -15.00 0.79
N VAL A 81 6.70 -15.36 0.23
CA VAL A 81 6.97 -16.78 0.02
C VAL A 81 6.82 -17.51 1.37
N GLU A 82 7.31 -16.91 2.44
CA GLU A 82 7.30 -17.51 3.75
C GLU A 82 5.88 -17.66 4.32
N LEU A 83 4.95 -16.89 3.79
CA LEU A 83 3.57 -16.91 4.24
C LEU A 83 2.72 -17.89 3.45
N VAL A 84 3.24 -18.48 2.41
CA VAL A 84 2.37 -19.41 1.67
C VAL A 84 1.93 -20.62 2.49
N PRO A 85 2.77 -21.28 3.24
CA PRO A 85 2.33 -22.47 3.95
C PRO A 85 1.12 -22.31 4.87
N THR A 86 1.06 -21.11 5.45
CA THR A 86 -0.06 -20.86 6.37
C THR A 86 -1.22 -20.14 5.66
N GLY A 87 -1.16 -19.95 4.36
CA GLY A 87 -2.31 -19.43 3.58
C GLY A 87 -2.45 -17.91 3.56
N HIS A 88 -1.46 -17.17 4.10
CA HIS A 88 -1.54 -15.71 4.12
C HIS A 88 -1.05 -15.11 2.81
N ALA A 89 -0.38 -15.88 1.97
CA ALA A 89 -0.11 -15.50 0.60
C ALA A 89 -0.45 -16.67 -0.32
N MET A 90 -0.66 -16.38 -1.57
CA MET A 90 -1.04 -17.43 -2.52
C MET A 90 -0.26 -17.29 -3.79
N TRP A 91 0.22 -18.39 -4.35
CA TRP A 91 0.85 -18.37 -5.65
C TRP A 91 -0.19 -18.07 -6.76
N LEU A 92 0.22 -17.19 -7.67
CA LEU A 92 -0.43 -16.92 -8.91
C LEU A 92 0.46 -17.45 -10.04
N LYS A 93 0.33 -18.75 -10.30
CA LYS A 93 1.21 -19.42 -11.26
C LYS A 93 0.78 -19.06 -12.65
N GLY A 94 1.78 -18.89 -13.53
CA GLY A 94 1.43 -18.61 -14.93
C GLY A 94 0.68 -17.32 -15.07
N THR A 95 1.01 -16.33 -14.24
CA THR A 95 0.54 -14.97 -14.48
C THR A 95 0.96 -14.51 -15.86
N ARG A 96 0.06 -13.79 -16.53
CA ARG A 96 0.34 -13.20 -17.82
C ARG A 96 0.39 -11.69 -17.68
N ARG A 97 1.41 -11.07 -18.21
CA ARG A 97 1.57 -9.62 -18.18
C ARG A 97 1.76 -9.11 -19.62
N PHE A 98 0.89 -8.20 -20.04
CA PHE A 98 0.94 -7.60 -21.35
C PHE A 98 1.26 -6.10 -21.21
N ALA A 99 2.07 -5.65 -22.19
CA ALA A 99 2.54 -4.30 -22.30
C ALA A 99 2.40 -3.78 -23.74
N GLN A 100 2.48 -2.46 -23.93
CA GLN A 100 2.34 -1.92 -25.27
C GLN A 100 3.61 -2.20 -26.11
N ASN A 101 4.75 -2.33 -25.44
CA ASN A 101 6.05 -2.44 -26.09
C ASN A 101 7.13 -2.86 -25.10
N GLU A 102 8.32 -3.14 -25.62
CA GLU A 102 9.36 -3.71 -24.81
C GLU A 102 9.67 -2.87 -23.62
N ASP A 103 9.61 -1.56 -23.83
CA ASP A 103 9.90 -0.63 -22.72
C ASP A 103 8.99 -0.88 -21.53
N GLY A 104 7.76 -1.28 -21.87
CA GLY A 104 6.80 -1.49 -20.76
C GLY A 104 7.07 -2.70 -19.90
N LEU A 105 8.06 -3.49 -20.32
CA LEU A 105 8.45 -4.64 -19.52
C LEU A 105 9.59 -4.33 -18.58
N LEU A 106 10.05 -3.09 -18.48
CA LEU A 106 10.77 -2.61 -17.33
C LEU A 106 12.16 -3.25 -17.23
N GLY A 107 12.75 -3.65 -18.36
CA GLY A 107 14.03 -4.30 -18.38
C GLY A 107 14.04 -5.66 -17.72
N HIS A 108 12.84 -6.23 -17.50
CA HIS A 108 12.74 -7.58 -16.99
C HIS A 108 13.47 -7.74 -15.67
N TRP A 109 13.51 -6.69 -14.84
CA TRP A 109 14.49 -6.66 -13.77
C TRP A 109 14.26 -7.75 -12.76
N TYR A 110 13.02 -8.15 -12.57
CA TYR A 110 12.54 -9.08 -11.52
C TYR A 110 12.54 -10.52 -11.99
N LYS A 111 13.17 -10.83 -13.10
CA LYS A 111 13.13 -12.17 -13.68
C LYS A 111 13.79 -13.26 -12.84
N ASP A 112 14.59 -12.92 -11.84
CA ASP A 112 15.19 -13.92 -10.94
C ASP A 112 14.36 -14.10 -9.66
N ILE A 113 13.32 -13.28 -9.52
CA ILE A 113 12.48 -13.32 -8.33
C ILE A 113 11.21 -14.14 -8.55
N THR A 114 10.44 -13.78 -9.58
CA THR A 114 9.28 -14.53 -9.92
C THR A 114 9.68 -15.79 -10.67
N PRO A 115 9.36 -17.00 -10.14
CA PRO A 115 9.75 -18.21 -10.86
C PRO A 115 9.18 -18.30 -12.26
N ASN A 116 9.88 -19.04 -13.11
CA ASN A 116 9.41 -19.41 -14.41
C ASN A 116 9.13 -18.20 -15.28
N TYR A 117 9.94 -17.15 -15.18
CA TYR A 117 9.76 -16.02 -16.04
C TYR A 117 10.20 -16.32 -17.46
N ARG A 118 9.37 -15.97 -18.44
CA ARG A 118 9.69 -16.13 -19.86
C ARG A 118 8.79 -15.29 -20.76
N PRO A 119 9.22 -14.97 -22.00
CA PRO A 119 8.36 -14.27 -22.93
C PRO A 119 7.19 -15.15 -23.31
N LEU A 120 6.10 -14.46 -23.63
CA LEU A 120 4.94 -15.11 -24.28
C LEU A 120 4.99 -14.93 -25.77
N PRO A 121 4.58 -15.93 -26.54
CA PRO A 121 4.36 -15.76 -27.98
C PRO A 121 3.26 -14.75 -28.29
N SER A 122 3.33 -14.13 -29.47
CA SER A 122 2.32 -13.09 -29.76
C SER A 122 0.94 -13.72 -29.81
N SER A 123 0.86 -14.99 -30.10
CA SER A 123 -0.46 -15.67 -30.17
C SER A 123 -1.17 -15.70 -28.81
N GLU A 124 -0.38 -15.55 -27.77
CA GLU A 124 -0.86 -15.57 -26.39
C GLU A 124 -1.06 -14.16 -25.85
N CYS A 125 -0.94 -13.11 -26.66
CA CYS A 125 -1.10 -11.71 -26.25
C CYS A 125 -2.27 -11.01 -26.97
N PRO A 126 -2.84 -9.93 -26.43
CA PRO A 126 -3.80 -9.11 -27.20
C PRO A 126 -3.12 -8.64 -28.47
N PRO A 127 -3.89 -8.38 -29.53
CA PRO A 127 -3.25 -8.05 -30.82
C PRO A 127 -2.33 -6.86 -30.72
N GLY A 128 -1.11 -6.97 -31.27
CA GLY A 128 -0.22 -5.81 -31.19
C GLY A 128 0.51 -5.61 -29.87
N ALA A 129 0.20 -6.37 -28.84
CA ALA A 129 0.86 -6.34 -27.53
C ALA A 129 2.05 -7.27 -27.40
N ILE A 130 2.84 -7.07 -26.39
CA ILE A 130 3.93 -7.97 -26.07
C ILE A 130 3.68 -8.48 -24.67
N GLY A 131 4.28 -9.60 -24.32
CA GLY A 131 3.95 -10.22 -23.06
C GLY A 131 5.02 -11.10 -22.47
N VAL A 132 4.91 -11.28 -21.13
CA VAL A 132 5.74 -12.25 -20.42
C VAL A 132 4.80 -13.03 -19.49
N THR A 133 5.28 -14.17 -19.01
CA THR A 133 4.58 -14.96 -18.00
C THR A 133 5.59 -15.34 -16.93
N TYR A 134 5.08 -15.51 -15.71
CA TYR A 134 5.87 -15.79 -14.54
C TYR A 134 4.92 -16.22 -13.41
N ASP A 135 5.50 -16.66 -12.29
CA ASP A 135 4.74 -17.00 -11.10
C ASP A 135 4.91 -15.90 -10.09
N THR A 136 3.82 -15.28 -9.69
CA THR A 136 3.89 -14.24 -8.65
C THR A 136 3.03 -14.61 -7.45
N LEU A 137 2.86 -13.66 -6.55
CA LEU A 137 2.15 -13.87 -5.30
C LEU A 137 1.06 -12.81 -5.07
N SER A 138 0.04 -13.19 -4.32
CA SER A 138 -0.97 -12.26 -3.86
C SER A 138 -1.35 -12.55 -2.40
N VAL A 139 -1.88 -11.50 -1.77
CA VAL A 139 -2.44 -11.59 -0.45
C VAL A 139 -3.87 -11.08 -0.50
N HIS A 140 -4.70 -11.47 0.48
CA HIS A 140 -6.06 -10.96 0.61
C HIS A 140 -5.92 -9.69 1.40
N ALA A 141 -6.10 -8.55 0.77
CA ALA A 141 -5.66 -7.29 1.39
C ALA A 141 -6.25 -7.04 2.77
N PRO A 142 -7.56 -7.05 2.96
CA PRO A 142 -8.08 -6.79 4.32
C PRO A 142 -7.66 -7.85 5.30
N LYS A 143 -7.65 -9.11 4.96
CA LYS A 143 -7.27 -10.21 5.84
C LYS A 143 -5.77 -10.17 6.16
N TYR A 144 -4.94 -9.71 5.23
CA TYR A 144 -3.48 -9.57 5.48
C TYR A 144 -3.23 -8.52 6.54
N CYS A 145 -3.97 -7.39 6.42
CA CYS A 145 -3.83 -6.38 7.48
C CYS A 145 -4.30 -6.90 8.84
N GLN A 146 -5.38 -7.68 8.85
CA GLN A 146 -5.88 -8.26 10.10
C GLN A 146 -4.88 -9.26 10.67
N TYR A 147 -4.20 -10.01 9.81
CA TYR A 147 -3.12 -10.88 10.23
C TYR A 147 -2.01 -10.10 10.91
N LEU A 148 -1.53 -9.02 10.22
CA LEU A 148 -0.49 -8.23 10.82
C LEU A 148 -0.91 -7.70 12.19
N ALA A 149 -2.17 -7.27 12.32
CA ALA A 149 -2.68 -6.79 13.60
C ALA A 149 -2.71 -7.86 14.67
N ARG A 150 -3.03 -9.08 14.34
CA ARG A 150 -2.92 -10.15 15.36
C ARG A 150 -1.49 -10.35 15.79
N GLU A 151 -0.55 -10.31 14.82
CA GLU A 151 0.86 -10.47 15.16
C GLU A 151 1.31 -9.35 16.08
N LEU A 152 0.86 -8.15 15.79
CA LEU A 152 1.13 -7.00 16.63
C LEU A 152 0.54 -7.17 18.03
N GLN A 153 -0.68 -7.64 18.15
CA GLN A 153 -1.25 -7.88 19.48
C GLN A 153 -0.35 -8.76 20.33
N LYS A 154 0.08 -9.88 19.75
CA LYS A 154 0.91 -10.82 20.47
C LYS A 154 2.19 -10.17 20.94
N LEU A 155 2.79 -9.28 20.14
CA LEU A 155 4.05 -8.61 20.51
C LEU A 155 3.85 -7.40 21.39
N GLY A 156 2.64 -7.18 21.84
CA GLY A 156 2.40 -6.15 22.83
C GLY A 156 2.05 -4.78 22.31
N ALA A 157 1.85 -4.65 21.00
CA ALA A 157 1.44 -3.36 20.45
C ALA A 157 -0.02 -3.09 20.79
N THR A 158 -0.35 -1.81 20.88
CA THR A 158 -1.74 -1.41 21.18
C THR A 158 -2.22 -0.47 20.08
N PHE A 159 -3.52 -0.33 20.02
CA PHE A 159 -4.24 0.45 19.02
C PHE A 159 -5.22 1.41 19.63
N GLU A 160 -5.40 2.56 18.99
CA GLU A 160 -6.33 3.58 19.44
C GLU A 160 -6.84 4.37 18.23
N ARG A 161 -8.15 4.55 18.15
CA ARG A 161 -8.75 5.35 17.09
C ARG A 161 -8.60 6.82 17.43
N ARG A 162 -8.01 7.57 16.52
CA ARG A 162 -7.79 8.99 16.70
C ARG A 162 -7.66 9.59 15.31
N THR A 163 -8.21 10.79 15.14
CA THR A 163 -7.97 11.55 13.93
C THR A 163 -7.15 12.78 14.27
N VAL A 164 -5.90 12.83 13.83
CA VAL A 164 -4.97 13.93 14.19
C VAL A 164 -5.09 15.04 13.15
N THR A 165 -5.07 16.30 13.55
CA THR A 165 -5.11 17.53 12.86
C THR A 165 -3.80 18.29 13.03
N SER A 166 -2.95 17.96 13.99
CA SER A 166 -1.72 18.68 14.20
C SER A 166 -0.73 17.75 14.92
N LEU A 167 0.54 17.81 14.52
CA LEU A 167 1.49 16.79 14.95
C LEU A 167 1.63 16.60 16.44
N GLU A 168 1.47 17.66 17.21
CA GLU A 168 1.64 17.41 18.64
C GLU A 168 0.70 16.38 19.23
N GLN A 169 -0.43 16.20 18.58
CA GLN A 169 -1.39 15.19 19.01
C GLN A 169 -0.89 13.77 18.85
N ALA A 170 0.07 13.55 17.97
CA ALA A 170 0.66 12.25 17.80
C ALA A 170 1.86 12.01 18.72
N PHE A 171 2.52 13.07 19.12
CA PHE A 171 3.71 12.95 19.96
C PHE A 171 3.26 12.78 21.41
N ASP A 172 2.34 11.86 21.66
CA ASP A 172 1.65 11.47 22.88
C ASP A 172 2.29 10.28 23.52
N GLY A 173 3.15 10.54 24.49
CA GLY A 173 3.77 9.36 25.08
C GLY A 173 4.87 8.80 24.23
N ALA A 174 5.24 9.49 23.16
CA ALA A 174 6.52 9.08 22.57
C ALA A 174 7.21 10.29 21.94
N ASP A 175 8.53 10.24 21.81
CA ASP A 175 9.29 11.30 21.15
C ASP A 175 9.61 10.99 19.69
N LEU A 176 9.14 9.88 19.18
CA LEU A 176 9.32 9.44 17.80
C LEU A 176 7.97 8.92 17.31
N VAL A 177 7.55 9.45 16.14
CA VAL A 177 6.35 9.00 15.47
C VAL A 177 6.72 8.54 14.07
N VAL A 178 6.13 7.42 13.64
CA VAL A 178 6.15 7.00 12.24
C VAL A 178 4.91 7.54 11.56
N ASN A 179 5.07 8.36 10.55
CA ASN A 179 3.95 8.97 9.81
C ASN A 179 3.60 8.10 8.61
N ALA A 180 2.59 7.24 8.79
CA ALA A 180 2.12 6.34 7.74
C ALA A 180 0.64 6.64 7.42
N THR A 181 0.38 7.92 7.09
CA THR A 181 -0.97 8.43 6.96
C THR A 181 -1.50 8.49 5.54
N GLY A 182 -0.78 7.96 4.56
CA GLY A 182 -1.29 7.98 3.20
C GLY A 182 -1.64 9.38 2.74
N LEU A 183 -2.87 9.57 2.25
CA LEU A 183 -3.34 10.87 1.80
C LEU A 183 -3.42 11.89 2.94
N GLY A 184 -3.55 11.42 4.20
CA GLY A 184 -3.73 12.33 5.29
C GLY A 184 -2.58 13.26 5.55
N ALA A 185 -1.41 12.94 5.05
CA ALA A 185 -0.21 13.73 5.24
C ALA A 185 -0.37 15.14 4.71
N LYS A 186 -1.27 15.37 3.72
CA LYS A 186 -1.43 16.70 3.19
C LYS A 186 -2.06 17.66 4.20
N SER A 187 -2.95 17.17 5.07
CA SER A 187 -3.79 18.05 5.88
C SER A 187 -3.47 18.04 7.35
N ILE A 188 -2.44 17.35 7.79
CA ILE A 188 -1.98 17.40 9.19
C ILE A 188 -1.01 18.56 9.34
N ALA A 189 -1.29 19.51 10.23
CA ALA A 189 -0.38 20.59 10.48
C ALA A 189 0.97 20.04 10.99
N GLY A 190 2.06 20.54 10.37
CA GLY A 190 3.43 20.09 10.63
C GLY A 190 3.91 19.06 9.64
N ILE A 191 3.00 18.58 8.80
CA ILE A 191 3.36 17.70 7.64
C ILE A 191 3.01 18.52 6.38
N ASP A 192 1.74 18.84 6.17
CA ASP A 192 1.34 19.80 5.15
C ASP A 192 1.84 19.46 3.74
N ASP A 193 1.88 18.15 3.38
CA ASP A 193 2.52 17.78 2.14
C ASP A 193 1.60 17.93 0.92
N GLN A 194 1.75 19.01 0.16
CA GLN A 194 0.89 19.27 -0.98
C GLN A 194 1.12 18.31 -2.12
N ALA A 195 2.23 17.55 -2.09
CA ALA A 195 2.52 16.60 -3.14
C ALA A 195 1.72 15.28 -3.03
N ALA A 196 1.12 15.01 -1.85
CA ALA A 196 0.26 13.83 -1.76
C ALA A 196 -0.93 13.98 -2.71
N GLU A 197 -1.31 12.92 -3.36
CA GLU A 197 -2.39 12.95 -4.34
C GLU A 197 -3.03 11.57 -4.41
N PRO A 198 -4.35 11.53 -4.61
CA PRO A 198 -4.99 10.24 -4.84
C PRO A 198 -4.77 9.74 -6.26
N ILE A 199 -4.82 8.40 -6.40
CA ILE A 199 -4.99 7.78 -7.70
C ILE A 199 -6.16 6.82 -7.59
N ARG A 200 -7.29 7.23 -8.15
CA ARG A 200 -8.52 6.48 -7.93
C ARG A 200 -8.54 5.14 -8.64
N GLY A 201 -9.00 4.11 -7.94
CA GLY A 201 -9.11 2.76 -8.45
C GLY A 201 -10.48 2.16 -8.19
N GLN A 202 -11.21 1.92 -9.28
CA GLN A 202 -12.48 1.21 -9.26
C GLN A 202 -12.25 -0.23 -9.66
N THR A 203 -12.92 -1.15 -8.95
CA THR A 203 -12.82 -2.56 -9.25
C THR A 203 -14.19 -3.25 -9.11
N VAL A 204 -14.26 -4.46 -9.64
CA VAL A 204 -15.40 -5.37 -9.41
C VAL A 204 -14.86 -6.62 -8.72
N LEU A 205 -15.40 -6.93 -7.54
CA LEU A 205 -15.06 -8.18 -6.84
C LEU A 205 -16.00 -9.24 -7.35
N VAL A 206 -15.47 -10.36 -7.82
CA VAL A 206 -16.21 -11.43 -8.49
C VAL A 206 -16.00 -12.74 -7.77
N LYS A 207 -17.05 -13.54 -7.72
CA LYS A 207 -16.93 -14.89 -7.24
C LYS A 207 -16.56 -15.85 -8.39
N SER A 208 -15.37 -16.44 -8.38
CA SER A 208 -14.92 -17.28 -9.46
C SER A 208 -13.80 -18.18 -8.96
N PRO A 209 -13.75 -19.43 -9.35
CA PRO A 209 -12.62 -20.30 -9.04
C PRO A 209 -11.40 -20.01 -9.90
N CYS A 210 -11.40 -19.04 -10.83
CA CYS A 210 -10.29 -18.65 -11.69
C CYS A 210 -9.04 -18.45 -10.84
N LYS A 211 -7.91 -19.12 -11.06
CA LYS A 211 -6.68 -18.88 -10.32
C LYS A 211 -5.59 -18.26 -11.17
N ARG A 212 -5.99 -17.83 -12.35
CA ARG A 212 -5.04 -17.21 -13.28
C ARG A 212 -5.08 -15.71 -13.14
N CYS A 213 -3.90 -15.09 -12.97
CA CYS A 213 -3.77 -13.63 -12.95
C CYS A 213 -3.37 -13.12 -14.32
N THR A 214 -4.05 -12.05 -14.76
CA THR A 214 -3.68 -11.36 -15.99
C THR A 214 -3.56 -9.88 -15.75
N MET A 215 -2.43 -9.29 -16.08
CA MET A 215 -2.14 -7.86 -15.90
C MET A 215 -1.99 -7.24 -17.29
N ASP A 216 -2.94 -6.42 -17.74
CA ASP A 216 -2.90 -5.86 -19.09
C ASP A 216 -2.77 -4.35 -19.08
N SER A 217 -1.55 -3.89 -19.43
CA SER A 217 -1.27 -2.47 -19.63
C SER A 217 -0.99 -2.19 -21.09
N SER A 218 -1.46 -3.08 -21.99
CA SER A 218 -1.20 -2.81 -23.41
C SER A 218 -2.19 -1.86 -24.10
N ASP A 219 -3.27 -1.53 -23.44
CA ASP A 219 -4.24 -0.60 -24.02
C ASP A 219 -4.33 0.66 -23.16
N PRO A 220 -3.74 1.74 -23.64
CA PRO A 220 -3.72 2.94 -22.79
C PRO A 220 -5.10 3.56 -22.56
N ALA A 221 -6.12 3.18 -23.31
CA ALA A 221 -7.46 3.62 -23.10
C ALA A 221 -8.25 2.72 -22.15
N SER A 222 -7.65 1.61 -21.79
CA SER A 222 -8.38 0.69 -20.91
C SER A 222 -7.45 -0.15 -20.03
N PRO A 223 -7.08 0.33 -18.85
CA PRO A 223 -6.31 -0.50 -17.89
C PRO A 223 -7.16 -1.70 -17.52
N ALA A 224 -6.61 -2.90 -17.47
CA ALA A 224 -7.39 -4.07 -17.00
C ALA A 224 -6.47 -5.03 -16.24
N TYR A 225 -7.05 -5.69 -15.26
CA TYR A 225 -6.34 -6.75 -14.56
C TYR A 225 -7.33 -7.70 -13.89
N ILE A 226 -6.96 -8.95 -13.73
CA ILE A 226 -7.67 -9.99 -13.02
C ILE A 226 -6.72 -10.55 -11.97
N ILE A 227 -7.05 -10.32 -10.70
CA ILE A 227 -6.22 -10.73 -9.58
C ILE A 227 -6.98 -11.66 -8.64
N PRO A 228 -6.75 -12.96 -8.78
CA PRO A 228 -7.29 -13.89 -7.79
C PRO A 228 -6.70 -13.61 -6.39
N ARG A 229 -7.50 -13.86 -5.36
CA ARG A 229 -7.02 -13.74 -4.00
C ARG A 229 -7.43 -14.93 -3.12
N PRO A 230 -6.72 -15.16 -1.99
CA PRO A 230 -7.07 -16.27 -1.12
C PRO A 230 -8.56 -16.16 -0.85
N GLY A 231 -9.16 -17.32 -1.08
CA GLY A 231 -10.56 -17.32 -0.84
C GLY A 231 -11.54 -17.58 -1.91
N GLY A 232 -11.25 -17.86 -3.18
CA GLY A 232 -12.44 -18.12 -4.06
C GLY A 232 -12.93 -16.90 -4.81
N GLU A 233 -12.21 -15.79 -4.73
CA GLU A 233 -12.65 -14.52 -5.34
C GLU A 233 -11.60 -13.94 -6.27
N VAL A 234 -12.07 -13.14 -7.23
CA VAL A 234 -11.12 -12.43 -8.12
C VAL A 234 -11.46 -10.96 -8.12
N ILE A 235 -10.46 -10.08 -8.10
CA ILE A 235 -10.63 -8.65 -8.28
C ILE A 235 -10.38 -8.31 -9.73
N CYS A 236 -11.37 -7.70 -10.37
CA CYS A 236 -11.28 -7.25 -11.75
C CYS A 236 -11.13 -5.70 -11.74
N GLY A 237 -10.12 -5.25 -12.46
CA GLY A 237 -9.85 -3.82 -12.56
C GLY A 237 -9.62 -3.41 -14.02
N GLY A 238 -9.36 -2.12 -14.21
CA GLY A 238 -9.25 -1.13 -13.18
C GLY A 238 -9.17 0.28 -13.75
N THR A 239 -8.86 1.22 -12.84
CA THR A 239 -8.63 2.58 -13.23
C THR A 239 -7.42 3.13 -12.46
N TYR A 240 -6.81 4.16 -13.04
CA TYR A 240 -5.71 4.90 -12.42
C TYR A 240 -6.00 6.39 -12.60
N GLY A 241 -6.97 6.94 -11.87
CA GLY A 241 -7.42 8.31 -12.02
C GLY A 241 -6.57 9.23 -11.15
N VAL A 242 -5.53 9.80 -11.75
CA VAL A 242 -4.62 10.64 -11.00
C VAL A 242 -5.30 11.93 -10.61
N GLY A 243 -5.27 12.22 -9.32
CA GLY A 243 -5.88 13.42 -8.78
C GLY A 243 -7.40 13.34 -8.62
N ASP A 244 -7.99 12.17 -8.88
CA ASP A 244 -9.46 12.00 -8.81
C ASP A 244 -9.84 11.49 -7.44
N TRP A 245 -10.65 12.26 -6.73
CA TRP A 245 -11.13 11.92 -5.38
C TRP A 245 -12.50 11.26 -5.37
N ASP A 246 -13.10 11.04 -6.52
CA ASP A 246 -14.49 10.55 -6.58
C ASP A 246 -14.65 9.16 -6.01
N LEU A 247 -15.50 9.03 -4.99
CA LEU A 247 -15.72 7.78 -4.30
C LEU A 247 -16.91 7.02 -4.84
N SER A 248 -17.64 7.55 -5.79
CA SER A 248 -18.81 6.93 -6.35
C SER A 248 -18.46 5.91 -7.46
N VAL A 249 -19.32 4.89 -7.58
CA VAL A 249 -19.15 3.88 -8.62
C VAL A 249 -19.65 4.42 -9.95
N ASN A 250 -18.78 4.35 -10.96
CA ASN A 250 -19.11 4.77 -12.32
C ASN A 250 -19.68 3.55 -13.05
N PRO A 251 -20.94 3.63 -13.49
CA PRO A 251 -21.51 2.42 -14.16
C PRO A 251 -20.93 2.11 -15.50
N GLU A 252 -20.50 3.14 -16.26
CA GLU A 252 -19.82 2.89 -17.52
C GLU A 252 -18.48 2.20 -17.30
N THR A 253 -17.75 2.56 -16.24
CA THR A 253 -16.49 1.88 -15.88
C THR A 253 -16.74 0.40 -15.59
N VAL A 254 -17.83 0.08 -14.92
CA VAL A 254 -18.18 -1.33 -14.69
C VAL A 254 -18.20 -2.10 -15.98
N GLN A 255 -18.94 -1.58 -16.97
CA GLN A 255 -19.04 -2.26 -18.25
C GLN A 255 -17.66 -2.39 -18.92
N ARG A 256 -16.85 -1.32 -18.94
CA ARG A 256 -15.57 -1.42 -19.61
C ARG A 256 -14.71 -2.48 -18.94
N ILE A 257 -14.64 -2.45 -17.61
CA ILE A 257 -13.78 -3.39 -16.89
C ILE A 257 -14.22 -4.80 -17.14
N LEU A 258 -15.53 -5.10 -17.01
CA LEU A 258 -15.97 -6.49 -17.21
C LEU A 258 -15.78 -6.96 -18.64
N LYS A 259 -16.04 -6.09 -19.63
CA LYS A 259 -15.86 -6.53 -21.03
C LYS A 259 -14.41 -6.85 -21.27
N HIS A 260 -13.52 -5.98 -20.82
CA HIS A 260 -12.09 -6.15 -21.08
C HIS A 260 -11.60 -7.38 -20.32
N CYS A 261 -11.93 -7.52 -19.05
CA CYS A 261 -11.47 -8.70 -18.33
C CYS A 261 -12.02 -9.95 -18.98
N LEU A 262 -13.23 -9.92 -19.51
CA LEU A 262 -13.72 -11.13 -20.18
C LEU A 262 -12.94 -11.53 -21.41
N ARG A 263 -12.51 -10.54 -22.15
CA ARG A 263 -11.66 -10.81 -23.27
C ARG A 263 -10.35 -11.44 -22.84
N LEU A 264 -9.82 -10.98 -21.72
CA LEU A 264 -8.56 -11.57 -21.23
C LEU A 264 -8.71 -12.97 -20.69
N ASP A 265 -9.84 -13.28 -20.08
CA ASP A 265 -10.02 -14.60 -19.49
C ASP A 265 -11.49 -14.88 -19.28
N PRO A 266 -12.13 -15.61 -20.17
CA PRO A 266 -13.56 -15.96 -19.99
C PRO A 266 -13.95 -16.74 -18.74
N THR A 267 -12.99 -17.42 -18.05
CA THR A 267 -13.36 -18.27 -16.92
C THR A 267 -13.67 -17.47 -15.71
N ILE A 268 -13.62 -16.13 -15.75
CA ILE A 268 -14.13 -15.32 -14.62
C ILE A 268 -15.65 -15.33 -14.50
N SER A 269 -16.28 -15.88 -15.55
CA SER A 269 -17.72 -16.08 -15.69
C SER A 269 -18.10 -17.55 -15.59
N SER A 270 -19.33 -17.85 -15.22
CA SER A 270 -19.87 -19.21 -15.28
C SER A 270 -19.92 -19.80 -16.68
N ASP A 271 -20.32 -18.95 -17.61
CA ASP A 271 -20.64 -19.29 -18.98
C ASP A 271 -19.94 -18.45 -20.03
N GLY A 272 -18.91 -17.71 -19.60
CA GLY A 272 -18.09 -16.92 -20.51
C GLY A 272 -18.80 -15.64 -20.95
N THR A 273 -19.85 -15.23 -20.22
CA THR A 273 -20.50 -14.04 -20.82
C THR A 273 -20.51 -13.00 -19.68
N ILE A 274 -20.70 -11.75 -20.04
CA ILE A 274 -20.76 -10.78 -18.95
C ILE A 274 -21.84 -11.12 -17.94
N GLU A 275 -22.95 -11.59 -18.47
CA GLU A 275 -24.09 -12.00 -17.67
C GLU A 275 -23.81 -13.18 -16.73
N GLY A 276 -22.80 -14.02 -16.93
CA GLY A 276 -22.43 -15.14 -16.18
C GLY A 276 -21.41 -14.74 -15.12
N ILE A 277 -21.03 -13.46 -15.04
CA ILE A 277 -20.11 -13.05 -13.97
C ILE A 277 -20.87 -12.83 -12.67
N GLU A 278 -20.47 -13.56 -11.63
CA GLU A 278 -21.09 -13.40 -10.32
C GLU A 278 -20.45 -12.29 -9.53
N VAL A 279 -21.10 -11.14 -9.60
CA VAL A 279 -20.64 -9.92 -8.98
C VAL A 279 -20.92 -9.95 -7.47
N LEU A 280 -19.84 -9.77 -6.70
CA LEU A 280 -20.00 -9.63 -5.25
C LEU A 280 -20.09 -8.22 -4.76
N ARG A 281 -19.32 -7.30 -5.33
CA ARG A 281 -19.25 -5.92 -4.86
C ARG A 281 -18.58 -5.05 -5.90
N HIS A 282 -19.05 -3.81 -5.97
CA HIS A 282 -18.42 -2.76 -6.73
C HIS A 282 -17.65 -1.86 -5.77
N ASN A 283 -16.37 -1.60 -6.03
CA ASN A 283 -15.46 -0.96 -5.13
C ASN A 283 -14.78 0.27 -5.73
N VAL A 284 -14.56 1.27 -4.90
CA VAL A 284 -13.74 2.42 -5.26
C VAL A 284 -12.83 2.76 -4.09
N GLY A 285 -11.52 2.74 -4.33
CA GLY A 285 -10.55 3.21 -3.32
C GLY A 285 -9.63 4.26 -3.91
N LEU A 286 -9.04 5.08 -3.06
CA LEU A 286 -8.07 6.12 -3.48
C LEU A 286 -6.69 5.67 -3.08
N ARG A 287 -5.84 5.36 -4.06
CA ARG A 287 -4.47 5.01 -3.76
C ARG A 287 -3.75 6.23 -3.20
N PRO A 288 -2.91 6.13 -2.18
CA PRO A 288 -2.27 7.33 -1.60
C PRO A 288 -0.90 7.45 -2.29
N ALA A 289 -0.85 8.35 -3.27
CA ALA A 289 0.36 8.57 -4.04
C ALA A 289 0.98 9.89 -3.64
N ARG A 290 2.10 10.22 -4.32
CA ARG A 290 2.85 11.44 -3.97
C ARG A 290 3.75 11.80 -5.14
N ARG A 291 3.57 13.06 -5.58
CA ARG A 291 4.45 13.57 -6.65
C ARG A 291 5.86 13.58 -6.07
N GLY A 292 6.80 13.02 -6.83
CA GLY A 292 8.15 12.81 -6.37
C GLY A 292 8.42 11.44 -5.72
N GLY A 293 7.40 10.60 -5.64
CA GLY A 293 7.52 9.22 -5.18
C GLY A 293 7.30 9.11 -3.68
N PRO A 294 7.35 7.87 -3.20
CA PRO A 294 7.13 7.63 -1.76
C PRO A 294 8.19 8.34 -0.92
N ARG A 295 7.76 8.78 0.24
CA ARG A 295 8.58 9.46 1.18
C ARG A 295 8.90 8.52 2.37
N VAL A 296 10.18 8.16 2.50
CA VAL A 296 10.67 7.30 3.57
C VAL A 296 11.94 7.94 4.09
N GLU A 297 11.84 8.71 5.17
CA GLU A 297 12.95 9.51 5.68
C GLU A 297 12.58 10.06 7.05
N ALA A 298 13.62 10.41 7.81
CA ALA A 298 13.46 10.90 9.17
C ALA A 298 13.78 12.41 9.24
N GLU A 299 12.88 13.12 9.89
CA GLU A 299 12.95 14.56 10.05
C GLU A 299 12.99 14.89 11.52
N ARG A 300 13.73 15.94 11.90
CA ARG A 300 13.67 16.48 13.26
C ARG A 300 12.82 17.73 13.32
N ILE A 301 11.87 17.77 14.25
CA ILE A 301 10.91 18.86 14.34
C ILE A 301 10.79 19.39 15.74
N VAL A 302 10.68 20.72 15.81
CA VAL A 302 10.43 21.39 17.05
C VAL A 302 8.93 21.57 17.27
N LEU A 303 8.52 21.26 18.48
CA LEU A 303 7.18 21.44 18.95
C LEU A 303 7.20 22.43 20.12
N PRO A 304 6.17 23.24 20.29
CA PRO A 304 5.01 23.37 19.41
C PRO A 304 5.28 23.95 18.03
N LEU A 305 4.45 23.65 17.03
CA LEU A 305 4.45 24.19 15.69
C LEU A 305 4.04 25.66 15.80
N ASP A 306 4.40 26.44 14.81
CA ASP A 306 3.90 27.82 14.76
C ASP A 306 3.46 28.00 13.33
N ARG A 307 2.89 29.13 13.09
CA ARG A 307 2.27 29.33 11.79
C ARG A 307 3.31 29.45 10.71
N THR A 308 4.50 29.79 11.20
CA THR A 308 5.66 29.80 10.33
C THR A 308 5.99 28.38 9.92
N LYS A 309 5.80 27.29 10.67
CA LYS A 309 6.06 25.93 10.20
C LYS A 309 4.93 25.38 9.32
N SER A 310 3.71 25.84 9.60
CA SER A 310 2.56 25.23 8.97
C SER A 310 1.42 26.23 8.82
N PRO A 311 0.89 26.37 7.60
CA PRO A 311 -0.27 27.22 7.41
C PRO A 311 -1.50 26.75 8.18
N LEU A 312 -1.61 25.50 8.51
CA LEU A 312 -2.69 24.84 9.25
C LEU A 312 -2.51 24.80 10.78
N SER A 313 -1.49 25.49 11.32
CA SER A 313 -1.26 25.37 12.75
C SER A 313 -2.48 25.94 13.48
N LEU A 314 -2.75 25.33 14.63
CA LEU A 314 -3.90 25.66 15.47
C LEU A 314 -3.56 26.76 16.46
N GLY A 315 -4.60 27.45 16.96
CA GLY A 315 -4.35 28.68 17.73
C GLY A 315 -4.16 29.92 16.89
N ARG A 316 -3.61 31.00 17.47
CA ARG A 316 -3.32 32.24 16.80
C ARG A 316 -2.00 32.20 16.04
N GLY A 317 -1.92 32.71 14.81
CA GLY A 317 -0.61 32.81 14.15
C GLY A 317 0.40 33.59 14.98
N SER A 318 -0.05 34.49 15.81
CA SER A 318 0.60 35.45 16.70
C SER A 318 1.56 34.79 17.67
N ALA A 319 1.26 33.53 17.99
CA ALA A 319 2.14 32.71 18.80
C ALA A 319 3.50 32.44 18.15
N ARG A 320 4.36 31.88 18.99
CA ARG A 320 5.71 31.46 18.68
C ARG A 320 6.35 30.67 19.84
N ALA A 321 6.00 30.95 21.05
CA ALA A 321 5.94 30.87 22.47
C ALA A 321 6.45 29.56 23.13
N ALA A 322 5.65 28.86 23.85
CA ALA A 322 5.29 27.74 24.70
C ALA A 322 6.46 26.78 24.94
N LYS A 323 6.26 25.62 25.58
CA LYS A 323 7.32 24.82 26.16
C LYS A 323 8.49 24.57 25.17
N GLU A 324 8.44 23.71 24.22
CA GLU A 324 9.44 23.52 23.17
C GLU A 324 10.33 22.29 23.40
N LYS A 325 10.15 21.31 22.55
CA LYS A 325 10.90 20.06 22.51
C LYS A 325 11.17 19.75 21.04
N GLU A 326 12.22 18.99 20.79
CA GLU A 326 12.49 18.48 19.47
C GLU A 326 12.23 16.98 19.44
N VAL A 327 11.59 16.55 18.38
CA VAL A 327 11.15 15.16 18.26
C VAL A 327 11.52 14.65 16.88
N THR A 328 11.36 13.31 16.70
CA THR A 328 11.69 12.70 15.41
C THR A 328 10.41 12.22 14.73
N LEU A 329 10.28 12.56 13.46
CA LEU A 329 9.14 12.15 12.63
C LEU A 329 9.71 11.31 11.47
N VAL A 330 9.34 10.04 11.42
CA VAL A 330 9.81 9.13 10.38
C VAL A 330 8.67 8.92 9.38
N HIS A 331 8.80 9.53 8.21
CA HIS A 331 7.79 9.48 7.18
C HIS A 331 7.80 8.12 6.47
N ALA A 332 6.59 7.66 6.12
CA ALA A 332 6.43 6.44 5.34
C ALA A 332 5.10 6.51 4.62
N TYR A 333 5.00 7.27 3.52
CA TYR A 333 3.74 7.45 2.80
C TYR A 333 4.02 7.78 1.36
N GLY A 334 2.97 7.59 0.54
CA GLY A 334 3.01 7.86 -0.87
C GLY A 334 3.32 6.67 -1.71
N PHE A 335 2.89 5.48 -1.35
CA PHE A 335 3.24 4.27 -2.04
C PHE A 335 2.33 3.93 -3.23
N SER A 336 1.30 4.72 -3.49
CA SER A 336 0.57 4.68 -4.76
C SER A 336 -0.03 3.29 -4.99
N SER A 337 0.23 2.67 -6.11
CA SER A 337 -0.30 1.38 -6.55
C SER A 337 0.52 0.20 -6.03
N ALA A 338 1.48 0.45 -5.12
CA ALA A 338 2.45 -0.60 -4.79
C ALA A 338 2.75 -0.74 -3.34
N GLY A 339 1.92 -0.29 -2.48
CA GLY A 339 2.08 -0.32 -1.05
C GLY A 339 2.12 -1.71 -0.44
N TYR A 340 1.30 -2.64 -0.94
CA TYR A 340 1.40 -4.00 -0.41
C TYR A 340 2.72 -4.65 -0.86
N GLN A 341 3.00 -4.60 -2.18
CA GLN A 341 4.17 -5.29 -2.72
C GLN A 341 5.49 -4.66 -2.25
N GLN A 342 5.46 -3.44 -1.74
CA GLN A 342 6.63 -2.81 -1.17
C GLN A 342 6.68 -2.84 0.37
N SER A 343 5.58 -3.25 1.02
CA SER A 343 5.36 -2.96 2.43
C SER A 343 6.42 -3.50 3.35
N TRP A 344 6.86 -4.73 3.17
CA TRP A 344 7.82 -5.32 4.10
C TRP A 344 9.17 -4.65 3.99
N GLY A 345 9.67 -4.48 2.75
CA GLY A 345 10.93 -3.78 2.56
C GLY A 345 10.87 -2.36 3.02
N ALA A 346 9.77 -1.67 2.78
CA ALA A 346 9.63 -0.28 3.27
C ALA A 346 9.68 -0.26 4.78
N ALA A 347 8.98 -1.19 5.41
CA ALA A 347 9.01 -1.29 6.87
C ALA A 347 10.40 -1.54 7.40
N GLU A 348 11.18 -2.34 6.70
CA GLU A 348 12.57 -2.60 7.13
C GLU A 348 13.36 -1.29 7.10
N ASP A 349 13.16 -0.48 6.08
CA ASP A 349 13.85 0.80 6.01
C ASP A 349 13.34 1.75 7.07
N VAL A 350 12.06 1.78 7.37
CA VAL A 350 11.54 2.59 8.46
C VAL A 350 12.21 2.17 9.77
N ALA A 351 12.29 0.87 10.02
CA ALA A 351 12.84 0.41 11.30
C ALA A 351 14.32 0.75 11.43
N GLN A 352 15.05 0.70 10.30
CA GLN A 352 16.42 1.15 10.36
C GLN A 352 16.55 2.62 10.71
N LEU A 353 15.70 3.48 10.12
CA LEU A 353 15.70 4.89 10.45
C LEU A 353 15.38 5.10 11.93
N VAL A 354 14.43 4.33 12.48
CA VAL A 354 14.08 4.46 13.88
C VAL A 354 15.28 4.06 14.73
N ASP A 355 15.95 2.96 14.40
CA ASP A 355 17.15 2.58 15.18
C ASP A 355 18.19 3.67 15.16
N GLU A 356 18.42 4.24 13.98
CA GLU A 356 19.47 5.27 13.84
C GLU A 356 19.06 6.51 14.63
N ALA A 357 17.79 6.93 14.50
CA ALA A 357 17.33 8.10 15.26
C ALA A 357 17.47 7.89 16.77
N PHE A 358 17.16 6.65 17.22
CA PHE A 358 17.25 6.34 18.64
C PHE A 358 18.71 6.52 19.11
N GLN A 359 19.64 6.02 18.31
CA GLN A 359 21.06 6.17 18.61
C GLN A 359 21.48 7.67 18.70
N ARG A 360 21.03 8.46 17.72
CA ARG A 360 21.47 9.83 17.69
C ARG A 360 20.74 10.75 18.63
N TYR A 361 19.45 10.56 18.84
CA TYR A 361 18.63 11.58 19.45
C TYR A 361 17.91 11.13 20.70
N HIS A 362 17.76 9.85 20.92
CA HIS A 362 16.84 9.33 21.94
C HIS A 362 17.60 8.50 22.97
N GLY A 363 18.89 8.65 23.12
CA GLY A 363 19.63 8.05 24.22
C GLY A 363 20.04 6.63 23.83
PA FAD B . -3.61 3.70 3.81
O1A FAD B . -4.40 4.74 3.09
O2A FAD B . -4.03 2.28 3.66
O5B FAD B . -3.60 3.97 5.36
C5B FAD B . -3.46 5.29 5.89
C4B FAD B . -3.71 5.18 7.38
O4B FAD B . -3.50 6.48 8.00
C3B FAD B . -5.14 4.79 7.81
O3B FAD B . -5.04 4.06 9.05
C2B FAD B . -5.78 6.10 7.98
O2B FAD B . -6.94 6.19 8.73
C1B FAD B . -4.68 6.85 8.73
N9A FAD B . -4.77 8.27 8.74
C8A FAD B . -4.83 9.19 7.67
N7A FAD B . -4.95 10.43 8.04
C5A FAD B . -5.02 10.37 9.44
C6A FAD B . -5.17 11.35 10.42
N6A FAD B . -5.29 12.65 10.14
N1A FAD B . -5.19 10.93 11.72
C2A FAD B . -5.07 9.63 12.03
N3A FAD B . -5.00 8.59 11.11
C4A FAD B . -4.92 9.13 9.82
N1 FAD B . -0.93 -2.27 -3.85
C2 FAD B . -0.14 -3.33 -4.15
O2 FAD B . 1.04 -3.41 -3.75
N3 FAD B . -0.64 -4.34 -4.94
C4 FAD B . -1.91 -4.35 -5.52
O4 FAD B . -2.28 -5.34 -6.23
C4X FAD B . -2.67 -3.25 -5.23
N5 FAD B . -3.98 -3.22 -5.79
C5X FAD B . -4.73 -2.06 -5.51
C6 FAD B . -5.96 -1.86 -6.12
C7 FAD B . -6.83 -0.81 -5.80
C7M FAD B . -8.19 -0.70 -6.48
C8 FAD B . -6.36 0.16 -4.90
C8M FAD B . -7.24 1.31 -4.44
C9 FAD B . -5.14 0.02 -4.28
C9A FAD B . -4.26 -0.98 -4.67
N10 FAD B . -2.90 -1.14 -4.14
C10 FAD B . -2.16 -2.23 -4.42
C1' FAD B . -2.34 -0.04 -3.46
C2' FAD B . -2.38 -0.10 -1.97
O2' FAD B . -3.79 -0.24 -1.61
C3' FAD B . -1.83 1.09 -1.24
O3' FAD B . -0.56 1.50 -1.73
C4' FAD B . -1.60 0.90 0.24
O4' FAD B . -2.85 0.37 0.77
C5' FAD B . -1.21 2.12 0.97
O5' FAD B . -1.08 1.84 2.37
P FAD B . -0.79 2.96 3.41
O1P FAD B . -0.66 2.29 4.69
O2P FAD B . 0.31 3.83 2.90
O3P FAD B . -2.11 3.87 3.32
N DAL C . -1.23 -2.50 -8.24
CA DAL C . -2.55 -2.71 -8.60
CB DAL C . -2.78 -3.58 -9.81
C DAL C . -3.40 -1.47 -8.47
O DAL C . -2.95 -0.48 -7.81
OXT DAL C . -4.57 -1.43 -9.01
O1 PER D . -3.57 -0.92 -6.30
O2 PER D . -3.05 -2.22 -6.63
C1 GOL E . -19.93 7.67 0.38
O1 GOL E . -21.31 8.06 0.34
C2 GOL E . -19.38 8.66 -0.62
O2 GOL E . -20.59 8.76 -1.05
C3 GOL E . -19.40 9.99 0.25
O3 GOL E . -18.70 9.23 1.12
#